data_6KI6
#
_entry.id   6KI6
#
_cell.length_a   59.555
_cell.length_b   59.555
_cell.length_c   213.367
_cell.angle_alpha   90.000
_cell.angle_beta   90.000
_cell.angle_gamma   120.000
#
_symmetry.space_group_name_H-M   'P 32 2 1'
#
loop_
_entity.id
_entity.type
_entity.pdbx_description
1 polymer 'B-cell lymphoma/leukemia 11A'
2 polymer "DNA (5'-D(*AP*TP*AP*TP*TP*GP*GP*TP*CP*AP*AP*GP*G)-3')"
3 polymer "DNA (5'-D(*TP*CP*CP*TP*TP*GP*AP*CP*CP*AP*AP*TP*A)-3')"
4 non-polymer 'ZINC ION'
5 water water
#
loop_
_entity_poly.entity_id
_entity_poly.type
_entity_poly.pdbx_seq_one_letter_code
_entity_poly.pdbx_strand_id
1 'polypeptide(L)'
;GSHMGRPSSKEGRRSDTCEYCGKVFKNCSNLTVHRRSHTGERPYKCELCNYACAQSSKLTRHMKTHGQVGKDVYKCEICK
MPFSVYSTLEKHMKKWHSDRVLNNDIKTE
;
A,B
2 'polydeoxyribonucleotide' (DA)(DT)(DA)(DT)(DT)(DG)(DG)(DT)(DC)(DA)(DA)(DG)(DG) C,F
3 'polydeoxyribonucleotide' (DT)(DC)(DC)(DT)(DT)(DG)(DA)(DC)(DC)(DA)(DA)(DT)(DA) D,E
#
# COMPACT_ATOMS: atom_id res chain seq x y z
N ARG A 14 3.21 -35.73 -6.19
CA ARG A 14 2.34 -35.60 -7.36
C ARG A 14 2.26 -34.14 -7.82
N SER A 15 1.18 -33.81 -8.50
CA SER A 15 0.89 -32.45 -8.94
C SER A 15 -0.25 -31.89 -8.11
N ASP A 16 -0.46 -30.58 -8.23
CA ASP A 16 -1.56 -29.93 -7.55
C ASP A 16 -2.08 -28.78 -8.39
N THR A 17 -3.35 -28.45 -8.19
CA THR A 17 -4.05 -27.44 -8.99
C THR A 17 -4.57 -26.34 -8.07
N CYS A 18 -4.53 -25.10 -8.56
CA CYS A 18 -5.05 -23.98 -7.78
C CYS A 18 -6.57 -24.11 -7.65
N GLU A 19 -7.06 -24.00 -6.42
CA GLU A 19 -8.48 -24.09 -6.14
C GLU A 19 -9.25 -22.87 -6.63
N TYR A 20 -8.56 -21.79 -6.98
CA TYR A 20 -9.20 -20.54 -7.38
C TYR A 20 -9.18 -20.31 -8.88
N CYS A 21 -8.11 -20.70 -9.57
CA CYS A 21 -7.99 -20.38 -10.98
C CYS A 21 -7.77 -21.59 -11.88
N GLY A 22 -7.58 -22.78 -11.31
CA GLY A 22 -7.37 -23.97 -12.10
C GLY A 22 -5.97 -24.17 -12.63
N LYS A 23 -5.01 -23.32 -12.26
CA LYS A 23 -3.65 -23.49 -12.74
C LYS A 23 -3.01 -24.71 -12.09
N VAL A 24 -2.37 -25.55 -12.91
CA VAL A 24 -1.71 -26.76 -12.44
C VAL A 24 -0.25 -26.44 -12.16
N PHE A 25 0.29 -27.02 -11.09
CA PHE A 25 1.65 -26.79 -10.67
C PHE A 25 2.39 -28.11 -10.55
N LYS A 26 3.58 -28.18 -11.13
CA LYS A 26 4.43 -29.36 -10.96
C LYS A 26 5.17 -29.31 -9.62
N ASN A 27 5.56 -28.11 -9.20
CA ASN A 27 6.17 -27.86 -7.91
C ASN A 27 5.07 -27.37 -6.97
N CYS A 28 4.74 -28.18 -5.96
CA CYS A 28 3.63 -27.84 -5.07
C CYS A 28 3.91 -26.57 -4.27
N SER A 29 5.18 -26.30 -3.96
CA SER A 29 5.50 -25.10 -3.20
C SER A 29 5.22 -23.84 -3.99
N ASN A 30 5.28 -23.91 -5.33
CA ASN A 30 4.90 -22.76 -6.14
C ASN A 30 3.41 -22.48 -6.06
N LEU A 31 2.60 -23.52 -5.82
CA LEU A 31 1.17 -23.32 -5.62
C LEU A 31 0.90 -22.60 -4.30
N THR A 32 1.62 -22.97 -3.25
CA THR A 32 1.46 -22.31 -1.96
C THR A 32 1.67 -20.80 -2.08
N VAL A 33 2.74 -20.40 -2.77
CA VAL A 33 3.01 -18.98 -2.96
C VAL A 33 1.97 -18.36 -3.88
N HIS A 34 1.67 -19.03 -5.01
CA HIS A 34 0.72 -18.49 -5.97
C HIS A 34 -0.66 -18.28 -5.35
N ARG A 35 -1.11 -19.24 -4.53
CA ARG A 35 -2.44 -19.14 -3.94
C ARG A 35 -2.59 -17.87 -3.11
N ARG A 36 -1.50 -17.40 -2.49
CA ARG A 36 -1.57 -16.19 -1.68
C ARG A 36 -1.96 -14.97 -2.51
N SER A 37 -1.73 -15.00 -3.82
CA SER A 37 -2.20 -13.92 -4.68
C SER A 37 -3.71 -13.89 -4.78
N HIS A 38 -4.39 -14.99 -4.46
CA HIS A 38 -5.85 -15.02 -4.37
C HIS A 38 -6.34 -14.65 -2.99
N THR A 39 -5.70 -15.17 -1.95
CA THR A 39 -6.15 -15.01 -0.58
C THR A 39 -5.69 -13.73 0.08
N GLY A 40 -4.76 -13.00 -0.53
CA GLY A 40 -4.18 -11.84 0.12
C GLY A 40 -3.27 -12.17 1.29
N GLU A 41 -2.94 -13.44 1.49
CA GLU A 41 -2.08 -13.84 2.59
C GLU A 41 -0.65 -13.35 2.33
N ARG A 42 -0.06 -12.72 3.35
CA ARG A 42 1.31 -12.20 3.25
C ARG A 42 2.02 -12.45 4.57
N PRO A 43 2.50 -13.68 4.77
CA PRO A 43 3.06 -14.04 6.09
C PRO A 43 4.46 -13.53 6.37
N TYR A 44 5.19 -13.06 5.37
CA TYR A 44 6.56 -12.60 5.56
C TYR A 44 6.57 -11.08 5.70
N LYS A 45 6.75 -10.62 6.94
CA LYS A 45 6.67 -9.21 7.28
C LYS A 45 8.06 -8.67 7.58
N CYS A 46 8.37 -7.50 7.03
CA CYS A 46 9.64 -6.85 7.30
C CYS A 46 9.62 -6.21 8.68
N GLU A 47 10.74 -6.32 9.39
CA GLU A 47 10.85 -5.72 10.71
C GLU A 47 11.25 -4.26 10.67
N LEU A 48 11.72 -3.76 9.52
CA LEU A 48 12.22 -2.40 9.41
C LEU A 48 11.27 -1.47 8.66
N CYS A 49 10.12 -1.96 8.20
CA CYS A 49 9.10 -1.14 7.57
C CYS A 49 7.83 -1.98 7.45
N ASN A 50 6.81 -1.41 6.82
CA ASN A 50 5.52 -2.06 6.69
C ASN A 50 5.42 -2.96 5.47
N TYR A 51 6.55 -3.31 4.85
CA TYR A 51 6.54 -4.22 3.73
C TYR A 51 6.11 -5.61 4.19
N ALA A 52 5.32 -6.29 3.36
CA ALA A 52 4.86 -7.64 3.64
C ALA A 52 4.62 -8.34 2.32
N CYS A 53 5.08 -9.58 2.21
CA CYS A 53 5.04 -10.30 0.94
C CYS A 53 4.57 -11.73 1.16
N ALA A 54 4.36 -12.43 0.04
CA ALA A 54 3.89 -13.80 0.06
C ALA A 54 5.01 -14.82 -0.12
N GLN A 55 6.24 -14.36 -0.37
CA GLN A 55 7.35 -15.23 -0.75
C GLN A 55 8.55 -14.88 0.10
N SER A 56 9.11 -15.89 0.78
CA SER A 56 10.20 -15.63 1.73
C SER A 56 11.39 -14.97 1.04
N SER A 57 11.73 -15.41 -0.16
CA SER A 57 12.88 -14.85 -0.85
C SER A 57 12.65 -13.42 -1.32
N LYS A 58 11.39 -12.99 -1.43
CA LYS A 58 11.12 -11.59 -1.72
C LYS A 58 11.46 -10.70 -0.54
N LEU A 59 11.26 -11.20 0.69
CA LEU A 59 11.67 -10.44 1.86
C LEU A 59 13.19 -10.30 1.92
N THR A 60 13.91 -11.38 1.62
CA THR A 60 15.36 -11.33 1.55
C THR A 60 15.82 -10.24 0.58
N ARG A 61 15.20 -10.18 -0.60
CA ARG A 61 15.56 -9.17 -1.58
C ARG A 61 15.23 -7.77 -1.06
N HIS A 62 14.03 -7.60 -0.49
CA HIS A 62 13.64 -6.29 0.02
C HIS A 62 14.58 -5.79 1.11
N MET A 63 15.17 -6.71 1.89
CA MET A 63 16.03 -6.30 3.00
C MET A 63 17.26 -5.54 2.51
N LYS A 64 17.72 -5.82 1.29
CA LYS A 64 18.88 -5.11 0.76
C LYS A 64 18.64 -3.61 0.63
N THR A 65 17.38 -3.18 0.53
CA THR A 65 17.07 -1.76 0.47
C THR A 65 17.26 -1.06 1.81
N HIS A 66 17.43 -1.82 2.90
CA HIS A 66 17.62 -1.25 4.23
C HIS A 66 19.08 -1.16 4.63
N GLY A 67 19.99 -1.84 3.92
CA GLY A 67 21.40 -1.83 4.27
C GLY A 67 22.07 -3.16 3.99
N ASP A 72 26.97 4.66 3.44
CA ASP A 72 26.56 3.26 3.49
C ASP A 72 25.07 3.12 3.73
N VAL A 73 24.62 3.62 4.88
CA VAL A 73 23.21 3.53 5.27
C VAL A 73 22.72 4.93 5.64
N TYR A 74 21.65 5.38 5.00
CA TYR A 74 20.99 6.63 5.34
C TYR A 74 19.76 6.31 6.17
N LYS A 75 19.56 7.09 7.24
CA LYS A 75 18.50 6.85 8.20
C LYS A 75 17.57 8.05 8.24
N CYS A 76 16.27 7.79 8.16
CA CYS A 76 15.27 8.84 8.36
C CYS A 76 15.33 9.32 9.81
N GLU A 77 15.41 10.63 9.99
CA GLU A 77 15.55 11.18 11.34
C GLU A 77 14.22 11.37 12.04
N ILE A 78 13.10 11.06 11.39
CA ILE A 78 11.80 11.10 12.02
C ILE A 78 11.37 9.72 12.49
N CYS A 79 11.55 8.70 11.65
CA CYS A 79 11.08 7.36 11.99
C CYS A 79 12.21 6.36 12.20
N LYS A 80 13.47 6.79 12.05
CA LYS A 80 14.67 5.99 12.29
C LYS A 80 14.84 4.84 11.30
N MET A 81 14.09 4.81 10.20
CA MET A 81 14.17 3.72 9.25
C MET A 81 15.43 3.85 8.40
N PRO A 82 16.22 2.79 8.27
CA PRO A 82 17.45 2.86 7.49
C PRO A 82 17.24 2.53 6.01
N PHE A 83 18.05 3.17 5.17
CA PHE A 83 17.98 2.99 3.73
C PHE A 83 19.38 2.93 3.15
N SER A 84 19.58 2.05 2.17
CA SER A 84 20.87 1.96 1.50
C SER A 84 21.00 2.98 0.37
N VAL A 85 19.90 3.29 -0.32
CA VAL A 85 19.91 4.24 -1.42
C VAL A 85 19.22 5.51 -0.95
N TYR A 86 19.89 6.66 -1.12
CA TYR A 86 19.38 7.91 -0.59
C TYR A 86 18.08 8.32 -1.28
N SER A 87 17.96 8.05 -2.58
CA SER A 87 16.74 8.41 -3.30
C SER A 87 15.54 7.63 -2.78
N THR A 88 15.75 6.38 -2.35
CA THR A 88 14.67 5.62 -1.73
C THR A 88 14.25 6.25 -0.41
N LEU A 89 15.20 6.78 0.35
CA LEU A 89 14.84 7.53 1.55
C LEU A 89 14.04 8.77 1.19
N GLU A 90 14.46 9.49 0.15
CA GLU A 90 13.74 10.69 -0.27
C GLU A 90 12.29 10.37 -0.61
N LYS A 91 12.05 9.25 -1.28
CA LYS A 91 10.68 8.86 -1.57
C LYS A 91 9.94 8.47 -0.28
N HIS A 92 10.65 7.86 0.66
CA HIS A 92 10.04 7.54 1.94
C HIS A 92 9.63 8.79 2.71
N MET A 93 10.40 9.86 2.57
CA MET A 93 10.05 11.12 3.23
C MET A 93 8.72 11.66 2.70
N LYS A 94 8.56 11.69 1.37
CA LYS A 94 7.35 12.25 0.79
C LYS A 94 6.12 11.42 1.14
N LYS A 95 6.28 10.11 1.27
CA LYS A 95 5.13 9.24 1.50
C LYS A 95 4.66 9.29 2.96
N TRP A 96 5.59 9.33 3.90
CA TRP A 96 5.26 9.23 5.32
C TRP A 96 5.39 10.53 6.10
N HIS A 97 6.17 11.50 5.61
CA HIS A 97 6.46 12.71 6.37
C HIS A 97 6.31 13.97 5.52
N SER A 98 5.37 13.97 4.59
CA SER A 98 5.17 15.13 3.72
C SER A 98 4.60 16.31 4.51
N ASP B 16 -6.70 -2.40 -4.58
CA ASP B 16 -6.81 -3.62 -3.78
C ASP B 16 -6.48 -3.36 -2.31
N THR B 17 -5.23 -3.01 -2.04
CA THR B 17 -4.71 -2.89 -0.67
C THR B 17 -4.08 -1.52 -0.48
N CYS B 18 -4.42 -0.88 0.63
CA CYS B 18 -3.75 0.37 1.01
C CYS B 18 -2.29 0.07 1.33
N GLU B 19 -1.39 0.89 0.80
CA GLU B 19 0.04 0.72 1.04
C GLU B 19 0.51 1.45 2.29
N TYR B 20 -0.38 2.19 2.97
CA TYR B 20 -0.04 2.81 4.25
C TYR B 20 -0.35 1.83 5.38
N CYS B 21 -1.63 1.54 5.59
CA CYS B 21 -2.03 0.45 6.49
C CYS B 21 -2.18 -0.82 5.69
N GLY B 22 -3.08 -1.71 6.10
CA GLY B 22 -3.23 -2.97 5.40
C GLY B 22 -4.63 -3.28 4.92
N LYS B 23 -5.48 -2.26 4.83
CA LYS B 23 -6.88 -2.46 4.53
C LYS B 23 -7.06 -2.93 3.09
N VAL B 24 -7.65 -4.12 2.93
CA VAL B 24 -8.02 -4.64 1.61
C VAL B 24 -9.34 -4.02 1.19
N PHE B 25 -9.51 -3.80 -0.12
CA PHE B 25 -10.66 -3.08 -0.64
C PHE B 25 -11.32 -3.88 -1.76
N LYS B 26 -12.66 -3.96 -1.70
CA LYS B 26 -13.42 -4.52 -2.82
C LYS B 26 -13.59 -3.49 -3.92
N ASN B 27 -14.02 -2.28 -3.55
CA ASN B 27 -14.18 -1.17 -4.49
C ASN B 27 -12.85 -0.46 -4.64
N CYS B 28 -12.37 -0.37 -5.89
CA CYS B 28 -11.07 0.26 -6.17
C CYS B 28 -11.12 1.76 -5.91
N SER B 29 -12.28 2.39 -6.17
CA SER B 29 -12.42 3.81 -5.91
C SER B 29 -12.59 4.12 -4.44
N ASN B 30 -13.14 3.19 -3.65
CA ASN B 30 -13.15 3.37 -2.21
C ASN B 30 -11.74 3.46 -1.65
N LEU B 31 -10.82 2.67 -2.20
CA LEU B 31 -9.43 2.74 -1.76
C LEU B 31 -8.79 4.08 -2.13
N THR B 32 -9.15 4.63 -3.29
CA THR B 32 -8.59 5.92 -3.70
C THR B 32 -9.02 7.02 -2.74
N VAL B 33 -10.27 7.00 -2.30
CA VAL B 33 -10.71 7.98 -1.31
C VAL B 33 -10.03 7.71 0.03
N HIS B 34 -9.89 6.44 0.41
CA HIS B 34 -9.27 6.12 1.69
C HIS B 34 -7.80 6.53 1.71
N ARG B 35 -7.10 6.38 0.59
CA ARG B 35 -5.70 6.79 0.52
C ARG B 35 -5.55 8.28 0.83
N ARG B 36 -6.55 9.10 0.47
CA ARG B 36 -6.49 10.53 0.74
C ARG B 36 -6.54 10.85 2.22
N SER B 37 -7.11 9.96 3.04
CA SER B 37 -7.02 10.14 4.49
C SER B 37 -5.60 9.99 5.00
N HIS B 38 -4.74 9.29 4.27
CA HIS B 38 -3.33 9.18 4.60
C HIS B 38 -2.52 10.32 3.99
N THR B 39 -2.62 10.51 2.67
CA THR B 39 -1.85 11.54 1.99
C THR B 39 -2.32 12.94 2.29
N GLY B 40 -3.46 13.09 2.98
CA GLY B 40 -4.00 14.41 3.26
C GLY B 40 -4.43 15.21 2.07
N GLU B 41 -4.38 14.64 0.86
CA GLU B 41 -4.77 15.38 -0.34
C GLU B 41 -6.28 15.52 -0.38
N ARG B 42 -6.77 16.76 -0.34
CA ARG B 42 -8.19 17.07 -0.39
C ARG B 42 -8.47 17.88 -1.66
N PRO B 43 -8.69 17.21 -2.79
CA PRO B 43 -9.02 17.93 -4.02
C PRO B 43 -10.45 18.43 -4.02
N TYR B 44 -11.15 18.24 -5.15
CA TYR B 44 -12.56 18.61 -5.29
C TYR B 44 -12.84 19.99 -4.69
N LYS B 45 -12.16 20.98 -5.27
CA LYS B 45 -12.27 22.35 -4.79
C LYS B 45 -13.56 22.99 -5.31
N CYS B 46 -14.25 23.72 -4.41
CA CYS B 46 -15.43 24.47 -4.81
C CYS B 46 -15.02 25.82 -5.39
N GLU B 47 -15.68 26.22 -6.47
CA GLU B 47 -15.38 27.48 -7.14
C GLU B 47 -15.89 28.70 -6.37
N LEU B 48 -16.52 28.51 -5.22
CA LEU B 48 -17.07 29.60 -4.44
C LEU B 48 -16.31 29.70 -3.14
N CYS B 49 -16.63 28.89 -2.14
CA CYS B 49 -16.06 29.04 -0.82
C CYS B 49 -14.57 28.77 -0.76
N ASN B 50 -13.98 28.22 -1.83
CA ASN B 50 -12.62 27.70 -1.80
C ASN B 50 -12.47 26.61 -0.75
N TYR B 51 -13.53 25.84 -0.53
CA TYR B 51 -13.50 24.67 0.33
C TYR B 51 -13.08 23.46 -0.50
N ALA B 52 -12.51 22.47 0.19
CA ALA B 52 -11.97 21.31 -0.51
C ALA B 52 -12.13 20.08 0.38
N CYS B 53 -12.42 18.95 -0.27
CA CYS B 53 -12.60 17.68 0.40
C CYS B 53 -11.93 16.58 -0.41
N ALA B 54 -11.93 15.37 0.15
CA ALA B 54 -11.32 14.21 -0.50
C ALA B 54 -12.33 13.35 -1.24
N GLN B 55 -13.57 13.82 -1.37
CA GLN B 55 -14.66 13.00 -1.88
C GLN B 55 -15.69 13.91 -2.51
N SER B 56 -16.03 13.65 -3.78
CA SER B 56 -16.90 14.56 -4.53
C SER B 56 -18.26 14.72 -3.85
N SER B 57 -18.77 13.68 -3.21
CA SER B 57 -20.06 13.78 -2.53
C SER B 57 -19.98 14.68 -1.31
N LYS B 58 -18.81 14.77 -0.68
CA LYS B 58 -18.66 15.66 0.48
C LYS B 58 -18.73 17.12 0.07
N LEU B 59 -18.28 17.46 -1.14
CA LEU B 59 -18.42 18.82 -1.64
C LEU B 59 -19.89 19.21 -1.74
N THR B 60 -20.72 18.29 -2.26
CA THR B 60 -22.15 18.56 -2.36
C THR B 60 -22.79 18.71 -0.99
N ARG B 61 -22.32 17.94 0.00
CA ARG B 61 -22.89 18.03 1.33
C ARG B 61 -22.58 19.37 1.98
N HIS B 62 -21.37 19.89 1.78
CA HIS B 62 -21.00 21.20 2.28
C HIS B 62 -21.58 22.34 1.44
N MET B 63 -22.37 22.02 0.41
CA MET B 63 -22.98 23.02 -0.44
C MET B 63 -24.24 23.63 0.17
N LYS B 64 -24.59 23.25 1.40
CA LYS B 64 -25.85 23.67 2.00
C LYS B 64 -25.69 24.98 2.78
N THR B 65 -24.81 24.99 3.78
CA THR B 65 -24.64 26.18 4.60
C THR B 65 -23.63 27.16 3.99
N HIS B 66 -22.68 26.66 3.19
CA HIS B 66 -21.73 27.54 2.54
C HIS B 66 -22.40 28.60 1.68
N GLY B 67 -23.65 28.37 1.26
CA GLY B 67 -24.41 29.34 0.51
C GLY B 67 -25.54 29.95 1.33
#